data_3BPT
#
_entry.id   3BPT
#
_cell.length_a   44.096
_cell.length_b   76.642
_cell.length_c   55.789
_cell.angle_alpha   90.00
_cell.angle_beta   108.24
_cell.angle_gamma   90.00
#
_symmetry.space_group_name_H-M   'P 1 21 1'
#
loop_
_entity.id
_entity.type
_entity.pdbx_description
1 polymer '3-hydroxyisobutyryl-CoA hydrolase'
2 non-polymer "3,5,7,3',4'-PENTAHYDROXYFLAVONE"
3 non-polymer '(2R)-3-HYDROXY-2-METHYLPROPANOIC ACID'
4 water water
#
_entity_poly.entity_id   1
_entity_poly.type   'polypeptide(L)'
_entity_poly.pdbx_seq_one_letter_code
;(MSE)TDAAEEVLLGKKGCTGVITLNRPKFLNALTLN(MSE)IRQIYPQLKKWEQDPETFLIIIKGAGGKAFCAGGDIRV
ISEAEKAKQKIAPVFFREEY(MSE)LNNAVGSCQKPYVALIHGIT(MSE)GGGVGLSVHGQFRVATEKCLFA(MSE)PET
AIGLFPDVGGGYFLPRLQGKLGYFLALTGFRLKGRDVYRAGIATHFVDSEKLA(MSE)LEEDLLALKSPSKENIASVLEN
YHTESKIDRDKSFILEEH(MSE)DKINSCFSANTVEEIIENLQQDGSSFALEQLKVINK(MSE)SPTSLKITLRQL
(MSE)EGSSKTLQEVLT(MSE)EYRLSQAC(MSE)RGHDFHEGVRAVLIDKDQSPKWKPADLKEVTEEDLNNHFKSLGSS
DLKFAENLYFQ
;
_entity_poly.pdbx_strand_id   A
#
loop_
_chem_comp.id
_chem_comp.type
_chem_comp.name
_chem_comp.formula
HIU non-polymer '(2R)-3-HYDROXY-2-METHYLPROPANOIC ACID' 'C4 H8 O3'
QUE non-polymer 3,5,7,3',4'-PENTAHYDROXYFLAVONE 'C15 H10 O7'
#
# COMPACT_ATOMS: atom_id res chain seq x y z
N THR A 2 28.05 -2.03 -20.85
CA THR A 2 27.03 -1.89 -19.77
C THR A 2 26.55 -3.28 -19.36
N ASP A 3 26.59 -3.56 -18.05
CA ASP A 3 26.02 -4.79 -17.49
C ASP A 3 24.51 -4.70 -17.46
N ALA A 4 23.86 -5.86 -17.40
CA ALA A 4 22.42 -5.93 -17.30
C ALA A 4 21.95 -5.08 -16.11
N ALA A 5 20.82 -4.39 -16.30
CA ALA A 5 20.26 -3.51 -15.30
C ALA A 5 19.67 -4.31 -14.11
N GLU A 6 19.88 -3.80 -12.91
CA GLU A 6 19.26 -4.36 -11.70
C GLU A 6 17.79 -3.92 -11.62
N GLU A 7 17.02 -4.67 -10.82
CA GLU A 7 15.59 -4.43 -10.68
C GLU A 7 15.31 -3.20 -9.79
N VAL A 8 16.31 -2.83 -9.03
CA VAL A 8 16.29 -1.56 -8.21
C VAL A 8 17.69 -0.98 -8.24
N LEU A 9 17.78 0.34 -8.43
CA LEU A 9 19.08 1.02 -8.37
C LEU A 9 19.25 1.68 -6.99
N LEU A 10 20.46 1.60 -6.48
CA LEU A 10 20.79 2.25 -5.25
C LEU A 10 21.97 3.17 -5.50
N GLY A 11 21.81 4.42 -5.10
CA GLY A 11 22.86 5.39 -5.37
C GLY A 11 23.04 6.35 -4.23
N LYS A 12 24.18 7.00 -4.21
CA LYS A 12 24.48 8.06 -3.26
C LYS A 12 24.78 9.31 -4.06
N LYS A 13 23.97 10.35 -3.89
CA LYS A 13 24.16 11.63 -4.59
C LYS A 13 24.13 12.72 -3.54
N GLY A 14 25.27 13.33 -3.31
CA GLY A 14 25.43 14.37 -2.28
C GLY A 14 25.23 13.83 -0.89
N CYS A 15 24.23 14.40 -0.20
CA CYS A 15 23.84 14.02 1.16
C CYS A 15 22.69 12.95 1.12
N THR A 16 22.33 12.47 -0.07
CA THR A 16 21.12 11.68 -0.22
C THR A 16 21.37 10.26 -0.70
N GLY A 17 20.64 9.29 -0.14
CA GLY A 17 20.59 7.95 -0.71
C GLY A 17 19.37 7.83 -1.58
N VAL A 18 19.55 7.34 -2.79
CA VAL A 18 18.43 7.32 -3.75
C VAL A 18 18.13 5.87 -4.11
N ILE A 19 16.88 5.48 -3.89
CA ILE A 19 16.37 4.17 -4.31
C ILE A 19 15.51 4.41 -5.58
N THR A 20 15.89 3.78 -6.70
CA THR A 20 15.09 3.87 -7.96
C THR A 20 14.55 2.50 -8.31
N LEU A 21 13.25 2.30 -8.07
CA LEU A 21 12.56 1.06 -8.45
C LEU A 21 12.70 0.99 -9.96
N ASN A 22 13.17 -0.14 -10.49
CA ASN A 22 13.69 -0.17 -11.89
C ASN A 22 13.22 -1.42 -12.67
N ARG A 23 11.90 -1.64 -12.65
CA ARG A 23 11.25 -2.58 -13.58
C ARG A 23 10.10 -1.90 -14.34
N PRO A 24 10.40 -0.82 -15.07
CA PRO A 24 9.26 -0.07 -15.56
C PRO A 24 8.32 -0.86 -16.49
N LYS A 25 8.87 -1.84 -17.24
CA LYS A 25 7.98 -2.64 -18.09
C LYS A 25 6.96 -3.46 -17.31
N PHE A 26 7.22 -3.71 -16.02
CA PHE A 26 6.31 -4.40 -15.13
C PHE A 26 5.84 -3.42 -14.07
N LEU A 27 5.77 -2.15 -14.43
CA LEU A 27 5.28 -1.07 -13.54
C LEU A 27 5.99 -1.04 -12.19
N ASN A 28 7.27 -1.37 -12.20
CA ASN A 28 8.10 -1.39 -11.01
C ASN A 28 7.61 -2.29 -9.89
N ALA A 29 6.92 -3.38 -10.24
CA ALA A 29 6.35 -4.26 -9.22
C ALA A 29 7.49 -4.85 -8.36
N LEU A 30 7.29 -4.87 -7.06
CA LEU A 30 8.28 -5.25 -6.09
C LEU A 30 8.50 -6.75 -5.89
N THR A 31 9.75 -7.14 -6.11
CA THR A 31 10.22 -8.49 -6.00
C THR A 31 11.03 -8.72 -4.75
N LEU A 32 11.21 -10.00 -4.41
CA LEU A 32 12.04 -10.38 -3.28
C LEU A 32 13.49 -9.87 -3.47
N ASN A 33 14.00 -10.01 -4.68
CA ASN A 33 15.36 -9.50 -5.04
C ASN A 33 15.49 -8.01 -4.68
N MSE A 34 14.49 -7.21 -5.07
CA MSE A 34 14.50 -5.78 -4.80
C MSE A 34 14.42 -5.54 -3.28
O MSE A 34 15.15 -4.69 -2.73
CB MSE A 34 13.33 -5.11 -5.53
CG MSE A 34 13.45 -5.16 -7.03
SE MSE A 34 11.76 -4.86 -7.92
CE MSE A 34 11.52 -2.91 -7.58
N ILE A 35 13.50 -6.22 -2.61
CA ILE A 35 13.38 -6.08 -1.12
C ILE A 35 14.73 -6.35 -0.45
N ARG A 36 15.38 -7.43 -0.86
CA ARG A 36 16.64 -7.82 -0.24
C ARG A 36 17.84 -6.86 -0.54
N GLN A 37 17.72 -6.04 -1.60
CA GLN A 37 18.67 -4.94 -1.85
C GLN A 37 18.30 -3.69 -1.06
N ILE A 38 17.00 -3.37 -1.04
CA ILE A 38 16.56 -2.12 -0.41
C ILE A 38 16.70 -2.16 1.09
N TYR A 39 16.26 -3.24 1.72
CA TYR A 39 16.19 -3.30 3.17
C TYR A 39 17.54 -3.05 3.83
N PRO A 40 18.58 -3.82 3.43
CA PRO A 40 19.89 -3.60 4.10
C PRO A 40 20.46 -2.21 3.81
N GLN A 41 20.14 -1.67 2.63
CA GLN A 41 20.63 -0.34 2.26
C GLN A 41 19.99 0.74 3.16
N LEU A 42 18.72 0.60 3.42
CA LEU A 42 17.98 1.55 4.25
C LEU A 42 18.67 1.53 5.63
N LYS A 43 18.92 0.36 6.15
CA LYS A 43 19.56 0.26 7.48
C LYS A 43 20.98 0.88 7.50
N LYS A 44 21.75 0.64 6.46
CA LYS A 44 23.07 1.27 6.33
C LYS A 44 22.95 2.80 6.31
N TRP A 45 22.03 3.32 5.50
CA TRP A 45 21.86 4.79 5.39
C TRP A 45 21.43 5.41 6.72
N GLU A 46 20.61 4.70 7.50
CA GLU A 46 20.22 5.19 8.84
C GLU A 46 21.45 5.43 9.74
N GLN A 47 22.45 4.57 9.63
CA GLN A 47 23.68 4.66 10.45
C GLN A 47 24.84 5.40 9.81
N ASP A 48 24.66 5.90 8.60
CA ASP A 48 25.69 6.55 7.82
C ASP A 48 25.64 8.06 8.08
N PRO A 49 26.63 8.59 8.82
CA PRO A 49 26.59 10.03 9.12
C PRO A 49 26.69 10.94 7.90
N GLU A 50 27.10 10.41 6.76
CA GLU A 50 27.16 11.16 5.51
C GLU A 50 25.86 11.15 4.70
N THR A 51 24.84 10.47 5.22
CA THR A 51 23.55 10.39 4.54
C THR A 51 22.52 11.07 5.40
N PHE A 52 21.88 12.10 4.84
CA PHE A 52 20.96 12.97 5.57
C PHE A 52 19.47 12.79 5.11
N LEU A 53 19.29 12.07 4.02
CA LEU A 53 17.98 11.97 3.34
C LEU A 53 17.99 10.68 2.52
N ILE A 54 16.84 10.03 2.48
CA ILE A 54 16.59 8.87 1.59
C ILE A 54 15.42 9.25 0.70
N ILE A 55 15.62 9.14 -0.62
CA ILE A 55 14.52 9.31 -1.58
C ILE A 55 14.22 7.96 -2.21
N ILE A 56 12.96 7.64 -2.34
CA ILE A 56 12.51 6.54 -3.18
C ILE A 56 11.68 7.09 -4.34
N LYS A 57 11.91 6.49 -5.51
CA LYS A 57 11.28 6.88 -6.74
C LYS A 57 11.21 5.69 -7.69
N GLY A 58 10.43 5.88 -8.74
CA GLY A 58 10.27 4.88 -9.77
C GLY A 58 10.81 5.33 -11.11
N ALA A 59 11.39 4.37 -11.83
CA ALA A 59 11.90 4.62 -13.14
C ALA A 59 10.72 4.68 -14.14
N GLY A 60 10.82 5.56 -15.11
CA GLY A 60 10.00 5.47 -16.33
C GLY A 60 8.85 6.43 -16.47
N GLY A 61 8.48 7.11 -15.41
CA GLY A 61 7.44 8.16 -15.57
C GLY A 61 5.95 7.77 -15.65
N LYS A 62 5.63 6.48 -15.67
CA LYS A 62 4.26 5.99 -15.61
C LYS A 62 3.85 5.45 -14.23
N ALA A 63 4.79 4.73 -13.62
CA ALA A 63 4.57 4.06 -12.33
C ALA A 63 5.63 4.37 -11.27
N PHE A 64 5.19 4.67 -10.04
CA PHE A 64 6.10 4.61 -8.93
C PHE A 64 6.33 3.11 -8.62
N CYS A 65 5.22 2.43 -8.30
CA CYS A 65 5.17 0.98 -8.12
C CYS A 65 3.71 0.53 -8.02
N ALA A 66 3.33 -0.39 -8.92
CA ALA A 66 1.95 -0.90 -9.03
C ALA A 66 1.58 -1.94 -7.98
N GLY A 67 2.57 -2.44 -7.25
CA GLY A 67 2.31 -3.43 -6.23
C GLY A 67 3.49 -4.36 -5.95
N GLY A 68 3.39 -5.23 -4.96
CA GLY A 68 4.30 -6.39 -4.86
C GLY A 68 4.00 -7.30 -6.02
N ASP A 69 4.97 -8.14 -6.40
CA ASP A 69 4.82 -8.90 -7.62
C ASP A 69 4.06 -10.19 -7.28
N ILE A 70 2.75 -10.07 -7.19
CA ILE A 70 1.91 -11.16 -6.71
C ILE A 70 1.73 -12.25 -7.76
N ARG A 71 1.89 -11.87 -9.04
CA ARG A 71 1.91 -12.86 -10.18
C ARG A 71 2.95 -13.96 -9.91
N VAL A 72 4.18 -13.56 -9.65
CA VAL A 72 5.26 -14.53 -9.41
C VAL A 72 5.03 -15.35 -8.15
N ILE A 73 4.49 -14.70 -7.13
CA ILE A 73 4.10 -15.39 -5.91
C ILE A 73 3.06 -16.48 -6.19
N SER A 74 2.04 -16.11 -6.97
CA SER A 74 1.01 -17.08 -7.30
C SER A 74 1.60 -18.23 -8.12
N GLU A 75 2.46 -17.90 -9.09
CA GLU A 75 3.10 -18.93 -9.90
C GLU A 75 3.86 -19.91 -9.01
N ALA A 76 4.67 -19.35 -8.11
CA ALA A 76 5.44 -20.15 -7.17
C ALA A 76 4.55 -21.05 -6.28
N GLU A 77 3.29 -20.66 -6.05
CA GLU A 77 2.37 -21.50 -5.26
C GLU A 77 1.97 -22.78 -5.96
N LYS A 78 2.10 -22.80 -7.29
CA LYS A 78 1.67 -23.93 -8.12
C LYS A 78 2.49 -25.15 -7.87
N ALA A 79 3.73 -24.97 -7.41
CA ALA A 79 4.63 -26.09 -7.13
C ALA A 79 5.33 -25.93 -5.77
N LYS A 80 6.51 -26.54 -5.64
CA LYS A 80 7.11 -26.71 -4.30
C LYS A 80 8.09 -25.63 -3.92
N GLN A 81 8.51 -24.82 -4.87
CA GLN A 81 9.40 -23.74 -4.53
C GLN A 81 8.57 -22.47 -4.29
N LYS A 82 8.03 -22.43 -3.08
CA LYS A 82 7.21 -21.32 -2.63
C LYS A 82 8.04 -20.09 -2.36
N ILE A 83 7.44 -18.96 -2.64
CA ILE A 83 8.07 -17.68 -2.34
C ILE A 83 7.28 -16.91 -1.25
N ALA A 84 5.99 -17.18 -1.14
CA ALA A 84 5.15 -16.39 -0.26
C ALA A 84 5.63 -16.26 1.22
N PRO A 85 6.08 -17.35 1.83
CA PRO A 85 6.47 -17.19 3.23
C PRO A 85 7.58 -16.16 3.43
N VAL A 86 8.58 -16.19 2.55
CA VAL A 86 9.68 -15.26 2.68
C VAL A 86 9.29 -13.88 2.17
N PHE A 87 8.60 -13.83 1.03
CA PHE A 87 8.26 -12.56 0.37
C PHE A 87 7.47 -11.64 1.30
N PHE A 88 6.35 -12.15 1.82
CA PHE A 88 5.51 -11.32 2.69
C PHE A 88 6.25 -10.96 3.97
N ARG A 89 7.00 -11.91 4.55
CA ARG A 89 7.75 -11.58 5.75
C ARG A 89 8.72 -10.43 5.51
N GLU A 90 9.56 -10.54 4.50
CA GLU A 90 10.58 -9.55 4.25
C GLU A 90 9.96 -8.24 3.69
N GLU A 91 8.88 -8.35 2.90
CA GLU A 91 8.21 -7.13 2.45
C GLU A 91 7.73 -6.34 3.66
N TYR A 92 7.04 -7.03 4.58
CA TYR A 92 6.49 -6.36 5.77
C TYR A 92 7.57 -5.81 6.70
N MSE A 93 8.70 -6.51 6.79
CA MSE A 93 9.84 -5.98 7.49
C MSE A 93 10.32 -4.67 6.85
O MSE A 93 10.64 -3.71 7.56
CB MSE A 93 10.96 -6.98 7.42
CG MSE A 93 10.70 -8.13 8.33
SE MSE A 93 12.03 -9.57 8.02
CE MSE A 93 13.69 -8.45 8.22
N LEU A 94 10.30 -4.57 5.51
CA LEU A 94 10.68 -3.34 4.84
C LEU A 94 9.64 -2.22 5.01
N ASN A 95 8.35 -2.55 5.01
CA ASN A 95 7.32 -1.51 5.30
C ASN A 95 7.54 -0.94 6.73
N ASN A 96 7.85 -1.79 7.69
CA ASN A 96 8.11 -1.32 9.03
C ASN A 96 9.34 -0.41 9.04
N ALA A 97 10.36 -0.83 8.29
CA ALA A 97 11.63 -0.08 8.23
C ALA A 97 11.40 1.32 7.67
N VAL A 98 10.53 1.42 6.65
CA VAL A 98 10.15 2.70 6.08
C VAL A 98 9.41 3.52 7.15
N GLY A 99 8.44 2.91 7.81
CA GLY A 99 7.66 3.59 8.83
C GLY A 99 8.43 4.05 10.06
N SER A 100 9.52 3.37 10.38
CA SER A 100 10.34 3.72 11.52
C SER A 100 11.70 4.32 11.12
N CYS A 101 11.82 4.78 9.87
CA CYS A 101 13.09 5.20 9.28
C CYS A 101 13.70 6.33 10.11
N GLN A 102 14.98 6.16 10.44
CA GLN A 102 15.69 7.05 11.35
C GLN A 102 16.37 8.22 10.63
N LYS A 103 16.16 8.31 9.33
CA LYS A 103 16.55 9.49 8.58
C LYS A 103 15.31 9.99 7.84
N PRO A 104 15.27 11.27 7.51
CA PRO A 104 14.22 11.72 6.60
C PRO A 104 14.07 10.86 5.32
N TYR A 105 12.83 10.50 5.03
CA TYR A 105 12.46 9.59 3.94
C TYR A 105 11.36 10.23 3.09
N VAL A 106 11.72 10.45 1.85
CA VAL A 106 10.86 11.10 0.88
C VAL A 106 10.53 10.15 -0.25
N ALA A 107 9.24 9.90 -0.44
CA ALA A 107 8.77 9.06 -1.57
C ALA A 107 8.18 9.98 -2.62
N LEU A 108 8.70 9.89 -3.84
CA LEU A 108 8.20 10.64 -4.97
C LEU A 108 7.16 9.82 -5.74
N ILE A 109 5.93 9.90 -5.30
CA ILE A 109 4.86 9.01 -5.85
C ILE A 109 4.21 9.65 -7.10
N HIS A 110 5.02 9.73 -8.13
CA HIS A 110 4.59 10.18 -9.42
C HIS A 110 4.13 8.89 -10.09
N GLY A 111 2.93 8.86 -10.59
CA GLY A 111 2.49 7.73 -11.35
C GLY A 111 1.78 6.73 -10.47
N ILE A 112 1.54 5.58 -11.07
CA ILE A 112 0.75 4.55 -10.43
C ILE A 112 1.44 4.11 -9.13
N THR A 113 0.69 4.13 -8.04
CA THR A 113 1.18 3.84 -6.67
C THR A 113 0.09 3.01 -5.99
N MSE A 114 0.22 1.68 -6.05
CA MSE A 114 -0.82 0.78 -5.56
C MSE A 114 -0.26 -0.41 -4.72
O MSE A 114 0.91 -0.81 -4.96
CB MSE A 114 -1.62 0.22 -6.75
CG MSE A 114 -2.24 1.27 -7.65
SE MSE A 114 -3.44 0.30 -8.91
CE MSE A 114 -4.21 1.98 -9.58
N GLY A 115 -1.03 -0.85 -3.74
CA GLY A 115 -0.66 -2.05 -2.97
C GLY A 115 0.75 -1.92 -2.40
N GLY A 116 1.63 -2.88 -2.72
CA GLY A 116 3.02 -2.81 -2.24
C GLY A 116 3.69 -1.45 -2.49
N GLY A 117 3.32 -0.78 -3.61
CA GLY A 117 3.86 0.54 -3.87
C GLY A 117 3.50 1.55 -2.79
N VAL A 118 2.26 1.49 -2.35
CA VAL A 118 1.83 2.25 -1.16
C VAL A 118 2.63 1.88 0.13
N GLY A 119 2.92 0.58 0.34
CA GLY A 119 3.69 0.13 1.47
C GLY A 119 5.06 0.72 1.50
N LEU A 120 5.64 1.05 0.36
CA LEU A 120 6.99 1.62 0.30
C LEU A 120 6.99 3.13 0.45
N SER A 121 5.80 3.75 0.50
CA SER A 121 5.70 5.20 0.49
C SER A 121 4.89 5.80 1.65
N VAL A 122 3.65 5.32 1.80
CA VAL A 122 2.72 6.02 2.73
C VAL A 122 3.21 6.05 4.19
N HIS A 123 4.03 5.07 4.60
CA HIS A 123 4.50 5.04 5.96
C HIS A 123 5.68 5.97 6.20
N GLY A 124 6.28 6.52 5.12
CA GLY A 124 7.43 7.36 5.28
C GLY A 124 6.99 8.75 5.69
N GLN A 125 7.96 9.58 6.02
CA GLN A 125 7.70 10.86 6.59
C GLN A 125 7.08 11.80 5.59
N PHE A 126 7.50 11.65 4.32
CA PHE A 126 7.11 12.57 3.28
C PHE A 126 6.71 11.80 2.01
N ARG A 127 5.57 12.17 1.43
CA ARG A 127 5.09 11.52 0.16
C ARG A 127 4.64 12.65 -0.73
N VAL A 128 5.32 12.75 -1.89
CA VAL A 128 5.03 13.83 -2.85
C VAL A 128 4.28 13.22 -4.06
N ALA A 129 3.02 13.61 -4.22
CA ALA A 129 2.22 13.24 -5.32
C ALA A 129 2.39 14.28 -6.43
N THR A 130 2.14 13.88 -7.68
CA THR A 130 1.94 14.79 -8.80
C THR A 130 0.55 14.52 -9.35
N GLU A 131 0.16 15.26 -10.39
CA GLU A 131 -1.11 15.05 -11.08
C GLU A 131 -1.26 13.65 -11.69
N LYS A 132 -0.13 12.97 -11.90
CA LYS A 132 -0.11 11.67 -12.47
C LYS A 132 -0.20 10.50 -11.44
N CYS A 133 -0.19 10.83 -10.15
CA CYS A 133 -0.29 9.83 -9.10
C CYS A 133 -1.62 9.16 -9.23
N LEU A 134 -1.60 7.83 -9.18
CA LEU A 134 -2.83 7.05 -9.24
C LEU A 134 -2.72 6.05 -8.10
N PHE A 135 -3.53 6.26 -7.06
CA PHE A 135 -3.49 5.47 -5.84
C PHE A 135 -4.66 4.48 -5.88
N ALA A 136 -4.41 3.29 -5.37
CA ALA A 136 -5.48 2.37 -4.97
C ALA A 136 -4.87 1.32 -4.04
N MSE A 137 -5.72 0.68 -3.25
CA MSE A 137 -5.42 -0.57 -2.54
C MSE A 137 -6.39 -1.60 -3.16
O MSE A 137 -7.54 -1.78 -2.70
CB MSE A 137 -5.59 -0.47 -1.04
CG MSE A 137 -4.63 0.56 -0.42
SE MSE A 137 -2.78 0.03 -0.52
CE MSE A 137 -2.82 -1.47 0.72
N PRO A 138 -5.98 -2.19 -4.28
CA PRO A 138 -6.93 -2.94 -5.10
C PRO A 138 -7.02 -4.44 -4.72
N GLU A 139 -6.69 -4.80 -3.47
CA GLU A 139 -6.46 -6.20 -3.16
C GLU A 139 -7.74 -7.04 -3.03
N THR A 140 -8.87 -6.43 -2.63
CA THR A 140 -10.09 -7.28 -2.49
C THR A 140 -10.56 -7.80 -3.89
N ALA A 141 -10.06 -7.16 -4.96
CA ALA A 141 -10.39 -7.58 -6.31
C ALA A 141 -9.57 -8.78 -6.75
N ILE A 142 -8.49 -9.08 -6.01
CA ILE A 142 -7.60 -10.18 -6.39
C ILE A 142 -7.48 -11.27 -5.33
N GLY A 143 -8.39 -11.27 -4.37
CA GLY A 143 -8.45 -12.36 -3.44
C GLY A 143 -7.44 -12.27 -2.32
N LEU A 144 -6.92 -11.06 -2.07
CA LEU A 144 -6.04 -10.81 -0.97
C LEU A 144 -6.73 -9.80 -0.01
N PHE A 145 -6.00 -8.83 0.52
CA PHE A 145 -6.53 -7.84 1.46
C PHE A 145 -5.47 -6.71 1.41
N PRO A 146 -5.79 -5.53 1.93
CA PRO A 146 -4.86 -4.38 1.78
C PRO A 146 -3.77 -4.45 2.78
N ASP A 147 -2.72 -5.12 2.37
CA ASP A 147 -1.65 -5.49 3.30
C ASP A 147 -0.61 -4.35 3.34
N VAL A 148 0.67 -4.70 3.54
CA VAL A 148 1.78 -3.72 3.61
C VAL A 148 1.43 -2.57 4.57
N GLY A 149 0.76 -2.92 5.66
CA GLY A 149 0.41 -1.92 6.66
C GLY A 149 -0.87 -1.14 6.40
N GLY A 150 -1.63 -1.59 5.41
CA GLY A 150 -2.94 -1.05 5.17
C GLY A 150 -3.80 -1.08 6.43
N GLY A 151 -3.69 -2.15 7.22
CA GLY A 151 -4.44 -2.24 8.46
C GLY A 151 -4.11 -1.16 9.50
N TYR A 152 -2.94 -0.51 9.36
CA TYR A 152 -2.51 0.60 10.23
C TYR A 152 -2.95 1.93 9.61
N PHE A 153 -2.56 2.22 8.35
CA PHE A 153 -2.74 3.55 7.83
C PHE A 153 -4.19 3.81 7.38
N LEU A 154 -4.87 2.77 6.86
CA LEU A 154 -6.24 2.98 6.35
C LEU A 154 -7.24 3.48 7.44
N PRO A 155 -7.30 2.80 8.63
CA PRO A 155 -8.25 3.30 9.64
C PRO A 155 -7.92 4.68 10.14
N ARG A 156 -6.65 5.08 9.99
CA ARG A 156 -6.17 6.38 10.46
C ARG A 156 -6.39 7.58 9.50
N LEU A 157 -6.88 7.30 8.31
CA LEU A 157 -7.34 8.34 7.43
C LEU A 157 -8.65 8.88 7.99
N GLN A 158 -9.12 9.99 7.46
CA GLN A 158 -10.24 10.64 8.08
C GLN A 158 -11.48 9.79 8.05
N GLY A 159 -12.24 9.88 9.14
CA GLY A 159 -13.46 9.12 9.26
C GLY A 159 -13.25 7.68 8.89
N LYS A 160 -14.13 7.19 8.00
CA LYS A 160 -14.07 5.84 7.54
C LYS A 160 -13.56 5.80 6.09
N LEU A 161 -12.91 6.88 5.65
CA LEU A 161 -12.38 6.97 4.29
C LEU A 161 -11.55 5.72 3.95
N GLY A 162 -10.66 5.31 4.86
CA GLY A 162 -9.81 4.17 4.62
C GLY A 162 -10.53 2.86 4.48
N TYR A 163 -11.64 2.72 5.22
CA TYR A 163 -12.46 1.50 5.11
C TYR A 163 -13.07 1.41 3.71
N PHE A 164 -13.59 2.55 3.26
CA PHE A 164 -14.13 2.68 1.91
C PHE A 164 -13.08 2.33 0.84
N LEU A 165 -11.92 2.98 0.95
CA LEU A 165 -10.82 2.65 0.05
C LEU A 165 -10.41 1.18 0.04
N ALA A 166 -10.32 0.59 1.23
CA ALA A 166 -9.87 -0.79 1.43
C ALA A 166 -10.83 -1.80 0.81
N LEU A 167 -12.12 -1.59 1.04
CA LEU A 167 -13.10 -2.58 0.64
C LEU A 167 -13.43 -2.53 -0.84
N THR A 168 -13.47 -1.32 -1.40
CA THR A 168 -13.90 -1.08 -2.79
C THR A 168 -12.78 -0.94 -3.82
N GLY A 169 -11.55 -0.73 -3.34
CA GLY A 169 -10.40 -0.41 -4.19
C GLY A 169 -10.52 0.89 -4.97
N PHE A 170 -11.32 1.80 -4.47
CA PHE A 170 -11.54 3.10 -5.15
C PHE A 170 -10.19 3.76 -5.47
N ARG A 171 -10.06 4.24 -6.71
CA ARG A 171 -8.88 4.94 -7.19
C ARG A 171 -8.97 6.42 -6.90
N LEU A 172 -7.85 6.98 -6.43
CA LEU A 172 -7.71 8.43 -6.30
C LEU A 172 -6.58 8.85 -7.22
N LYS A 173 -6.77 10.00 -7.88
CA LYS A 173 -5.81 10.51 -8.86
C LYS A 173 -5.33 11.87 -8.46
N GLY A 174 -4.07 12.11 -8.69
CA GLY A 174 -3.54 13.47 -8.58
C GLY A 174 -3.69 14.12 -7.23
N ARG A 175 -4.16 15.37 -7.25
CA ARG A 175 -4.29 16.11 -5.99
C ARG A 175 -5.25 15.46 -4.98
N ASP A 176 -6.15 14.60 -5.43
CA ASP A 176 -7.02 13.85 -4.50
C ASP A 176 -6.19 12.93 -3.55
N VAL A 177 -5.06 12.46 -4.04
CA VAL A 177 -4.18 11.59 -3.21
C VAL A 177 -3.65 12.37 -2.00
N TYR A 178 -3.32 13.64 -2.28
CA TYR A 178 -2.94 14.58 -1.24
C TYR A 178 -4.15 14.93 -0.31
N ARG A 179 -5.30 15.23 -0.92
CA ARG A 179 -6.46 15.62 -0.12
C ARG A 179 -6.87 14.49 0.83
N ALA A 180 -6.69 13.25 0.35
CA ALA A 180 -6.96 12.05 1.14
C ALA A 180 -6.00 11.78 2.29
N GLY A 181 -4.86 12.48 2.31
CA GLY A 181 -3.86 12.32 3.36
C GLY A 181 -2.86 11.22 3.06
N ILE A 182 -2.91 10.62 1.88
CA ILE A 182 -1.97 9.59 1.50
C ILE A 182 -0.65 10.27 1.09
N ALA A 183 -0.71 11.29 0.26
CA ALA A 183 0.44 12.16 0.00
C ALA A 183 0.44 13.30 1.03
N THR A 184 1.65 13.70 1.43
CA THR A 184 1.85 14.81 2.36
C THR A 184 1.98 16.16 1.58
N HIS A 185 2.43 16.07 0.31
CA HIS A 185 2.68 17.22 -0.55
C HIS A 185 2.32 16.90 -1.98
N PHE A 186 2.11 17.97 -2.75
CA PHE A 186 1.76 17.86 -4.12
C PHE A 186 2.60 18.83 -4.93
N VAL A 187 3.15 18.35 -6.05
CA VAL A 187 3.95 19.15 -6.97
C VAL A 187 3.51 18.84 -8.40
N ASP A 188 3.38 19.86 -9.25
CA ASP A 188 3.09 19.55 -10.65
C ASP A 188 4.26 18.75 -11.22
N SER A 189 3.98 17.77 -12.08
CA SER A 189 5.04 16.90 -12.58
C SER A 189 6.15 17.69 -13.32
N GLU A 190 5.79 18.79 -13.98
CA GLU A 190 6.77 19.59 -14.70
C GLU A 190 7.87 20.15 -13.79
N LYS A 191 7.61 20.24 -12.48
CA LYS A 191 8.59 20.69 -11.51
C LYS A 191 9.24 19.58 -10.64
N LEU A 192 8.91 18.33 -10.91
CA LEU A 192 9.41 17.23 -10.06
C LEU A 192 10.93 17.08 -10.13
N ALA A 193 11.45 17.16 -11.36
CA ALA A 193 12.91 17.06 -11.60
C ALA A 193 13.67 18.13 -10.80
N MSE A 194 13.14 19.34 -10.77
CA MSE A 194 13.78 20.43 -9.98
C MSE A 194 13.71 20.17 -8.48
O MSE A 194 14.67 20.41 -7.75
CB MSE A 194 13.11 21.78 -10.28
CG MSE A 194 13.48 22.29 -11.60
SE MSE A 194 12.93 24.14 -12.01
CE MSE A 194 11.06 23.85 -12.18
N LEU A 195 12.56 19.70 -8.02
CA LEU A 195 12.39 19.35 -6.62
C LEU A 195 13.45 18.30 -6.25
N GLU A 196 13.62 17.28 -7.11
CA GLU A 196 14.58 16.21 -6.83
C GLU A 196 16.01 16.81 -6.74
N GLU A 197 16.29 17.64 -7.72
CA GLU A 197 17.60 18.26 -7.82
C GLU A 197 17.91 19.09 -6.60
N ASP A 198 16.92 19.83 -6.08
CA ASP A 198 17.10 20.74 -4.96
C ASP A 198 17.28 19.94 -3.68
N LEU A 199 16.53 18.87 -3.53
CA LEU A 199 16.74 17.99 -2.36
C LEU A 199 18.18 17.43 -2.38
N LEU A 200 18.57 16.83 -3.52
CA LEU A 200 19.95 16.26 -3.67
C LEU A 200 21.07 17.27 -3.43
N ALA A 201 20.81 18.54 -3.76
CA ALA A 201 21.80 19.61 -3.62
C ALA A 201 21.92 20.16 -2.18
N LEU A 202 20.99 19.79 -1.28
CA LEU A 202 21.02 20.24 0.10
C LEU A 202 22.28 19.74 0.78
N LYS A 203 22.86 20.60 1.61
CA LYS A 203 24.07 20.29 2.37
C LYS A 203 23.74 20.00 3.82
N SER A 204 24.03 18.78 4.25
CA SER A 204 23.76 18.36 5.62
C SER A 204 22.38 18.77 6.14
N PRO A 205 21.32 18.50 5.36
CA PRO A 205 20.01 19.00 5.76
C PRO A 205 19.40 18.32 6.98
N SER A 206 18.74 19.13 7.80
CA SER A 206 17.85 18.64 8.86
C SER A 206 16.51 18.25 8.21
N LYS A 207 15.68 17.51 8.95
CA LYS A 207 14.31 17.23 8.56
C LYS A 207 13.55 18.52 8.23
N GLU A 208 13.80 19.56 9.02
CA GLU A 208 13.17 20.86 8.76
C GLU A 208 13.58 21.47 7.42
N ASN A 209 14.86 21.38 7.07
CA ASN A 209 15.34 21.86 5.79
C ASN A 209 14.59 21.13 4.66
N ILE A 210 14.45 19.82 4.83
CA ILE A 210 13.74 19.03 3.85
C ILE A 210 12.28 19.44 3.71
N ALA A 211 11.61 19.57 4.85
CA ALA A 211 10.24 20.01 4.89
C ALA A 211 10.05 21.38 4.24
N SER A 212 11.02 22.27 4.44
CA SER A 212 10.92 23.60 3.81
C SER A 212 10.90 23.52 2.27
N VAL A 213 11.80 22.73 1.71
CA VAL A 213 11.86 22.54 0.27
C VAL A 213 10.51 22.02 -0.26
N LEU A 214 9.98 20.98 0.42
CA LEU A 214 8.73 20.39 -0.01
C LEU A 214 7.58 21.37 0.06
N GLU A 215 7.53 22.14 1.14
CA GLU A 215 6.52 23.18 1.35
C GLU A 215 6.57 24.23 0.21
N ASN A 216 7.78 24.66 -0.14
CA ASN A 216 7.94 25.74 -1.07
C ASN A 216 7.41 25.35 -2.43
N TYR A 217 7.71 24.11 -2.86
CA TYR A 217 7.14 23.53 -4.08
C TYR A 217 5.64 23.29 -3.99
N HIS A 218 5.20 22.75 -2.86
CA HIS A 218 3.80 22.47 -2.69
C HIS A 218 2.97 23.76 -2.86
N THR A 219 3.40 24.81 -2.18
CA THR A 219 2.67 26.08 -2.22
C THR A 219 2.45 26.63 -3.65
N GLU A 220 3.46 26.48 -4.51
CA GLU A 220 3.41 27.04 -5.86
C GLU A 220 2.85 26.12 -6.95
N SER A 221 2.53 24.87 -6.60
CA SER A 221 1.97 23.97 -7.59
C SER A 221 0.56 24.46 -7.95
N LYS A 222 0.18 24.27 -9.19
CA LYS A 222 -1.01 24.90 -9.75
C LYS A 222 -2.15 23.94 -10.05
N ILE A 223 -1.80 22.69 -10.41
CA ILE A 223 -2.77 21.80 -10.98
C ILE A 223 -3.77 21.45 -9.88
N ASP A 224 -5.04 21.71 -10.19
CA ASP A 224 -6.15 21.49 -9.23
C ASP A 224 -6.00 22.13 -7.84
N ARG A 225 -5.29 23.27 -7.76
CA ARG A 225 -4.87 23.89 -6.49
C ARG A 225 -6.00 24.19 -5.54
C ARG A 225 -6.00 24.18 -5.54
N ASP A 226 -7.14 24.56 -6.09
CA ASP A 226 -8.31 24.94 -5.29
C ASP A 226 -9.51 24.02 -5.56
N LYS A 227 -9.26 22.85 -6.14
CA LYS A 227 -10.32 21.85 -6.41
C LYS A 227 -10.61 21.11 -5.10
N SER A 228 -11.88 20.81 -4.85
CA SER A 228 -12.23 20.10 -3.63
C SER A 228 -11.88 18.61 -3.79
N PHE A 229 -11.75 17.95 -2.66
CA PHE A 229 -11.55 16.52 -2.66
C PHE A 229 -12.71 15.84 -3.33
N ILE A 230 -12.41 14.97 -4.29
CA ILE A 230 -13.45 14.20 -4.98
C ILE A 230 -14.48 13.52 -4.06
N LEU A 231 -14.06 13.05 -2.89
CA LEU A 231 -14.96 12.32 -1.98
C LEU A 231 -15.60 13.19 -0.88
N GLU A 232 -15.26 14.48 -0.83
CA GLU A 232 -15.84 15.32 0.21
C GLU A 232 -17.36 15.28 0.22
N GLU A 233 -18.00 15.37 -0.95
CA GLU A 233 -19.46 15.31 -0.97
C GLU A 233 -20.06 13.96 -0.53
N HIS A 234 -19.20 12.93 -0.44
CA HIS A 234 -19.61 11.60 -0.04
C HIS A 234 -19.11 11.19 1.32
N MSE A 235 -18.36 12.06 2.00
CA MSE A 235 -17.82 11.67 3.29
C MSE A 235 -18.83 11.35 4.36
O MSE A 235 -18.64 10.38 5.11
CB MSE A 235 -16.76 12.66 3.80
CG MSE A 235 -15.41 12.65 3.05
SE MSE A 235 -14.54 10.85 3.11
CE MSE A 235 -14.70 10.44 5.00
N ASP A 236 -19.91 12.11 4.46
CA ASP A 236 -20.95 11.76 5.46
C ASP A 236 -21.50 10.34 5.21
N LYS A 237 -21.84 10.06 3.95
CA LYS A 237 -22.44 8.75 3.65
C LYS A 237 -21.45 7.63 3.78
N ILE A 238 -20.19 7.91 3.45
CA ILE A 238 -19.12 6.94 3.68
C ILE A 238 -18.96 6.64 5.17
N ASN A 239 -18.88 7.71 5.99
CA ASN A 239 -18.75 7.59 7.43
C ASN A 239 -19.92 6.81 8.07
N SER A 240 -21.11 7.02 7.52
CA SER A 240 -22.27 6.27 7.99
C SER A 240 -22.26 4.80 7.56
N CYS A 241 -22.16 4.58 6.24
CA CYS A 241 -22.29 3.25 5.63
C CYS A 241 -21.20 2.31 6.08
N PHE A 242 -19.99 2.85 6.21
CA PHE A 242 -18.81 2.02 6.51
C PHE A 242 -18.51 1.93 7.99
N SER A 243 -19.42 2.39 8.85
CA SER A 243 -19.29 2.25 10.30
C SER A 243 -19.70 0.84 10.86
N ALA A 244 -20.26 -0.04 10.05
CA ALA A 244 -20.83 -1.30 10.55
C ALA A 244 -19.76 -2.34 10.84
N ASN A 245 -20.13 -3.36 11.63
CA ASN A 245 -19.15 -4.35 12.05
C ASN A 245 -19.10 -5.57 11.19
N THR A 246 -20.02 -5.68 10.23
CA THR A 246 -19.98 -6.70 9.21
C THR A 246 -20.12 -6.16 7.81
N VAL A 247 -19.57 -6.92 6.88
CA VAL A 247 -19.69 -6.53 5.46
C VAL A 247 -21.17 -6.53 5.01
N GLU A 248 -21.95 -7.49 5.51
CA GLU A 248 -23.38 -7.56 5.15
C GLU A 248 -24.07 -6.26 5.54
N GLU A 249 -23.72 -5.73 6.71
CA GLU A 249 -24.33 -4.50 7.18
C GLU A 249 -23.90 -3.31 6.35
N ILE A 250 -22.63 -3.29 5.92
CA ILE A 250 -22.19 -2.21 5.07
C ILE A 250 -22.94 -2.19 3.73
N ILE A 251 -23.11 -3.36 3.12
CA ILE A 251 -23.83 -3.50 1.86
C ILE A 251 -25.29 -3.02 2.06
N GLU A 252 -25.89 -3.41 3.18
CA GLU A 252 -27.29 -3.00 3.52
C GLU A 252 -27.37 -1.48 3.67
N ASN A 253 -26.37 -0.90 4.36
CA ASN A 253 -26.36 0.54 4.55
C ASN A 253 -26.28 1.25 3.18
N LEU A 254 -25.43 0.76 2.29
CA LEU A 254 -25.27 1.38 0.97
C LEU A 254 -26.61 1.32 0.22
N GLN A 255 -27.27 0.17 0.30
CA GLN A 255 -28.55 0.03 -0.38
C GLN A 255 -29.59 1.00 0.20
N GLN A 256 -29.58 1.15 1.51
CA GLN A 256 -30.56 2.02 2.15
C GLN A 256 -30.29 3.50 1.95
N ASP A 257 -29.02 3.86 1.79
CA ASP A 257 -28.70 5.22 1.40
C ASP A 257 -29.30 5.50 0.01
N GLY A 258 -29.06 4.58 -0.91
CA GLY A 258 -29.73 4.60 -2.19
C GLY A 258 -29.33 5.66 -3.21
N SER A 259 -28.28 6.46 -2.93
CA SER A 259 -27.77 7.45 -3.87
C SER A 259 -27.10 6.78 -5.07
N SER A 260 -26.91 7.53 -6.14
CA SER A 260 -26.15 7.00 -7.28
C SER A 260 -24.79 6.44 -6.85
N PHE A 261 -24.06 7.23 -6.07
CA PHE A 261 -22.71 6.87 -5.65
C PHE A 261 -22.78 5.60 -4.80
N ALA A 262 -23.75 5.56 -3.88
CA ALA A 262 -23.83 4.38 -2.98
C ALA A 262 -24.15 3.11 -3.78
N LEU A 263 -25.09 3.19 -4.68
CA LEU A 263 -25.43 2.04 -5.52
C LEU A 263 -24.31 1.64 -6.48
N GLU A 264 -23.53 2.60 -6.99
CA GLU A 264 -22.35 2.28 -7.79
C GLU A 264 -21.32 1.49 -6.98
N GLN A 265 -21.09 1.93 -5.75
CA GLN A 265 -20.08 1.32 -4.94
C GLN A 265 -20.54 -0.02 -4.39
N LEU A 266 -21.81 -0.12 -4.08
CA LEU A 266 -22.43 -1.41 -3.82
C LEU A 266 -22.17 -2.43 -4.95
N LYS A 267 -22.39 -2.01 -6.20
CA LYS A 267 -22.10 -2.87 -7.35
C LYS A 267 -20.64 -3.38 -7.34
N VAL A 268 -19.72 -2.47 -7.02
CA VAL A 268 -18.30 -2.82 -7.00
C VAL A 268 -18.05 -3.83 -5.92
N ILE A 269 -18.56 -3.53 -4.72
CA ILE A 269 -18.31 -4.37 -3.57
C ILE A 269 -18.82 -5.77 -3.86
N ASN A 270 -19.99 -5.85 -4.50
CA ASN A 270 -20.54 -7.15 -4.84
C ASN A 270 -19.74 -7.95 -5.84
N LYS A 271 -18.75 -7.33 -6.50
CA LYS A 271 -17.84 -8.07 -7.40
C LYS A 271 -16.52 -8.49 -6.74
N MSE A 272 -16.29 -8.02 -5.53
CA MSE A 272 -15.04 -8.31 -4.77
C MSE A 272 -15.11 -9.76 -4.19
O MSE A 272 -16.19 -10.33 -4.03
CB MSE A 272 -14.81 -7.27 -3.68
CG MSE A 272 -14.73 -5.81 -4.15
SE MSE A 272 -13.28 -5.54 -5.43
CE MSE A 272 -14.15 -5.53 -7.14
N SER A 273 -13.94 -10.35 -3.86
CA SER A 273 -13.95 -11.64 -3.17
C SER A 273 -14.62 -11.52 -1.82
N PRO A 274 -15.65 -12.34 -1.56
CA PRO A 274 -16.32 -12.25 -0.25
C PRO A 274 -15.39 -12.53 0.92
N THR A 275 -14.52 -13.51 0.75
CA THR A 275 -13.56 -13.82 1.80
C THR A 275 -12.65 -12.60 2.04
N SER A 276 -12.12 -12.05 0.95
CA SER A 276 -11.31 -10.83 1.05
C SER A 276 -12.05 -9.70 1.79
N LEU A 277 -13.31 -9.50 1.46
CA LEU A 277 -14.06 -8.41 2.11
C LEU A 277 -14.13 -8.58 3.63
N LYS A 278 -14.46 -9.79 4.08
CA LYS A 278 -14.60 -10.03 5.51
C LYS A 278 -13.25 -9.92 6.21
N ILE A 279 -12.18 -10.43 5.61
CA ILE A 279 -10.86 -10.33 6.16
C ILE A 279 -10.48 -8.86 6.33
N THR A 280 -10.74 -8.09 5.30
CA THR A 280 -10.33 -6.71 5.24
C THR A 280 -11.03 -5.88 6.33
N LEU A 281 -12.34 -6.12 6.49
CA LEU A 281 -13.05 -5.34 7.51
C LEU A 281 -12.51 -5.62 8.92
N ARG A 282 -12.32 -6.88 9.23
CA ARG A 282 -11.81 -7.28 10.56
C ARG A 282 -10.38 -6.77 10.76
N GLN A 283 -9.56 -6.90 9.72
CA GLN A 283 -8.17 -6.42 9.72
C GLN A 283 -8.11 -4.92 10.04
N LEU A 284 -8.92 -4.11 9.35
CA LEU A 284 -8.92 -2.67 9.64
C LEU A 284 -9.46 -2.33 11.05
N MSE A 285 -10.51 -3.03 11.47
CA MSE A 285 -11.09 -2.80 12.80
C MSE A 285 -10.07 -3.13 13.87
O MSE A 285 -9.91 -2.36 14.81
CB MSE A 285 -12.36 -3.61 13.01
CG MSE A 285 -13.46 -3.25 12.06
SE MSE A 285 -15.21 -4.09 12.46
CE MSE A 285 -15.43 -3.31 14.27
N GLU A 286 -9.37 -4.24 13.68
CA GLU A 286 -8.34 -4.65 14.63
C GLU A 286 -7.14 -3.70 14.56
N GLY A 287 -6.77 -3.34 13.33
CA GLY A 287 -5.61 -2.49 13.07
C GLY A 287 -5.73 -1.10 13.63
N SER A 288 -6.98 -0.64 13.78
CA SER A 288 -7.29 0.66 14.35
C SER A 288 -6.79 0.87 15.75
N SER A 289 -6.51 -0.22 16.46
CA SER A 289 -6.02 -0.13 17.81
C SER A 289 -4.69 -0.83 17.97
N LYS A 290 -3.99 -1.04 16.84
CA LYS A 290 -2.68 -1.65 16.86
C LYS A 290 -1.58 -0.68 16.39
N THR A 291 -0.35 -0.95 16.85
CA THR A 291 0.81 -0.31 16.30
C THR A 291 1.11 -0.86 14.88
N LEU A 292 1.98 -0.16 14.15
CA LEU A 292 2.35 -0.64 12.81
C LEU A 292 2.93 -2.04 12.87
N GLN A 293 3.83 -2.28 13.84
CA GLN A 293 4.42 -3.64 13.99
C GLN A 293 3.33 -4.69 14.24
N GLU A 294 2.40 -4.36 15.17
CA GLU A 294 1.33 -5.32 15.49
C GLU A 294 0.44 -5.66 14.28
N VAL A 295 0.17 -4.59 13.54
CA VAL A 295 -0.58 -4.70 12.28
C VAL A 295 0.16 -5.61 11.28
N LEU A 296 1.42 -5.37 11.09
CA LEU A 296 2.20 -6.20 10.16
C LEU A 296 2.27 -7.67 10.61
N THR A 297 2.36 -7.88 11.92
CA THR A 297 2.37 -9.24 12.43
C THR A 297 1.06 -9.98 12.06
N MSE A 298 -0.02 -9.24 12.21
CA MSE A 298 -1.34 -9.71 11.85
C MSE A 298 -1.46 -9.98 10.35
O MSE A 298 -1.90 -11.03 9.91
CB MSE A 298 -2.41 -8.69 12.26
CG MSE A 298 -3.82 -8.99 11.67
SE MSE A 298 -5.10 -7.62 12.29
CE MSE A 298 -4.32 -6.09 11.37
N GLU A 299 -1.04 -9.03 9.54
CA GLU A 299 -1.06 -9.15 8.08
C GLU A 299 -0.22 -10.34 7.61
N TYR A 300 0.86 -10.66 8.30
CA TYR A 300 1.67 -11.81 7.88
C TYR A 300 0.83 -13.08 8.01
N ARG A 301 0.09 -13.24 9.12
CA ARG A 301 -0.78 -14.39 9.30
C ARG A 301 -1.80 -14.46 8.20
N LEU A 302 -2.38 -13.28 7.92
CA LEU A 302 -3.40 -13.17 6.86
C LEU A 302 -2.85 -13.61 5.51
N SER A 303 -1.65 -13.12 5.17
CA SER A 303 -1.00 -13.43 3.90
C SER A 303 -0.80 -14.93 3.75
N GLN A 304 -0.35 -15.60 4.80
CA GLN A 304 -0.09 -17.05 4.66
C GLN A 304 -1.40 -17.83 4.57
N ALA A 305 -2.40 -17.41 5.33
CA ALA A 305 -3.73 -18.11 5.24
C ALA A 305 -4.30 -17.96 3.84
N CYS A 306 -4.19 -16.76 3.29
CA CYS A 306 -4.75 -16.51 1.97
C CYS A 306 -4.09 -17.36 0.88
N MSE A 307 -2.85 -17.74 1.10
CA MSE A 307 -2.20 -18.58 0.11
C MSE A 307 -2.82 -19.98 0.05
O MSE A 307 -2.71 -20.69 -0.95
CB MSE A 307 -0.71 -18.75 0.43
CG MSE A 307 0.14 -17.49 0.30
SE MSE A 307 0.03 -16.58 -1.45
CE MSE A 307 -1.36 -15.19 -0.97
N ARG A 308 -3.40 -20.38 1.17
CA ARG A 308 -4.06 -21.69 1.31
C ARG A 308 -5.48 -21.71 0.77
N GLY A 309 -6.03 -20.53 0.47
CA GLY A 309 -7.40 -20.43 -0.07
C GLY A 309 -7.48 -20.51 -1.58
N HIS A 310 -8.69 -20.39 -2.07
CA HIS A 310 -8.96 -20.46 -3.49
C HIS A 310 -8.84 -19.12 -4.24
N ASP A 311 -9.30 -18.06 -3.60
CA ASP A 311 -9.53 -16.80 -4.28
C ASP A 311 -8.28 -16.09 -4.74
N PHE A 312 -7.18 -16.16 -3.98
CA PHE A 312 -6.01 -15.42 -4.42
C PHE A 312 -5.54 -15.83 -5.81
N HIS A 313 -5.44 -17.14 -6.03
CA HIS A 313 -4.97 -17.66 -7.30
C HIS A 313 -5.95 -17.35 -8.42
N GLU A 314 -7.24 -17.39 -8.10
CA GLU A 314 -8.29 -17.02 -9.07
C GLU A 314 -8.28 -15.52 -9.43
N GLY A 315 -8.11 -14.71 -8.42
CA GLY A 315 -8.01 -13.27 -8.65
C GLY A 315 -6.79 -12.91 -9.51
N VAL A 316 -5.63 -13.50 -9.22
CA VAL A 316 -4.45 -13.22 -10.03
C VAL A 316 -4.70 -13.62 -11.54
N ARG A 317 -5.36 -14.76 -11.71
CA ARG A 317 -5.76 -15.22 -13.07
C ARG A 317 -6.68 -14.21 -13.78
N ALA A 318 -7.75 -13.82 -13.10
CA ALA A 318 -8.77 -12.95 -13.66
C ALA A 318 -8.23 -11.57 -13.94
N VAL A 319 -7.44 -11.06 -13.00
CA VAL A 319 -6.98 -9.70 -13.05
C VAL A 319 -5.67 -9.49 -13.79
N LEU A 320 -4.71 -10.37 -13.55
CA LEU A 320 -3.34 -10.13 -14.01
C LEU A 320 -2.95 -10.96 -15.22
N ILE A 321 -3.49 -12.16 -15.33
CA ILE A 321 -3.03 -13.11 -16.36
C ILE A 321 -3.99 -13.05 -17.59
N ASP A 322 -5.25 -13.43 -17.36
CA ASP A 322 -6.23 -13.47 -18.43
C ASP A 322 -6.82 -12.08 -18.63
N LYS A 323 -6.77 -11.27 -17.57
CA LYS A 323 -7.31 -9.93 -17.61
C LYS A 323 -8.79 -9.92 -18.11
N ASP A 324 -9.56 -10.91 -17.70
CA ASP A 324 -10.97 -11.02 -18.13
C ASP A 324 -11.91 -10.41 -17.12
N GLN A 325 -11.31 -9.90 -16.04
CA GLN A 325 -11.98 -9.30 -14.91
C GLN A 325 -13.21 -10.13 -14.55
N SER A 326 -13.09 -11.45 -14.67
CA SER A 326 -14.19 -12.35 -14.41
C SER A 326 -13.79 -13.46 -13.44
N PRO A 327 -13.44 -13.04 -12.20
CA PRO A 327 -13.10 -14.05 -11.19
C PRO A 327 -14.34 -14.86 -10.77
N LYS A 328 -14.17 -16.14 -10.54
CA LYS A 328 -15.23 -16.95 -9.92
C LYS A 328 -14.78 -17.27 -8.50
N TRP A 329 -15.27 -16.50 -7.54
CA TRP A 329 -14.84 -16.68 -6.15
C TRP A 329 -15.47 -17.90 -5.50
N LYS A 330 -14.78 -18.41 -4.51
CA LYS A 330 -15.24 -19.56 -3.76
C LYS A 330 -14.72 -19.44 -2.33
N PRO A 331 -15.62 -19.26 -1.36
CA PRO A 331 -17.09 -19.12 -1.56
C PRO A 331 -17.53 -17.88 -2.33
N ALA A 332 -18.62 -18.04 -3.08
CA ALA A 332 -19.18 -17.01 -3.95
C ALA A 332 -20.09 -16.02 -3.19
N ASP A 333 -20.62 -16.47 -2.04
CA ASP A 333 -21.55 -15.67 -1.24
CA ASP A 333 -21.56 -15.68 -1.25
C ASP A 333 -20.95 -15.35 0.13
N LEU A 334 -21.14 -14.09 0.57
CA LEU A 334 -20.72 -13.63 1.86
C LEU A 334 -21.21 -14.53 2.98
N LYS A 335 -22.46 -15.02 2.85
CA LYS A 335 -23.03 -15.94 3.82
C LYS A 335 -22.18 -17.17 4.07
N GLU A 336 -21.51 -17.68 3.03
CA GLU A 336 -20.66 -18.84 3.15
C GLU A 336 -19.23 -18.52 3.63
N VAL A 337 -18.92 -17.23 3.92
CA VAL A 337 -17.72 -16.92 4.62
C VAL A 337 -18.04 -16.85 6.10
N THR A 338 -17.73 -17.95 6.79
CA THR A 338 -18.13 -18.12 8.15
C THR A 338 -17.19 -17.46 9.12
N GLU A 339 -17.70 -17.28 10.34
CA GLU A 339 -16.89 -16.76 11.42
C GLU A 339 -15.65 -17.60 11.68
N GLU A 340 -15.81 -18.92 11.65
CA GLU A 340 -14.69 -19.81 11.89
C GLU A 340 -13.63 -19.68 10.80
N ASP A 341 -14.05 -19.63 9.54
CA ASP A 341 -13.13 -19.42 8.42
C ASP A 341 -12.28 -18.15 8.60
N LEU A 342 -12.99 -17.08 8.95
CA LEU A 342 -12.37 -15.79 9.23
C LEU A 342 -11.37 -15.87 10.38
N ASN A 343 -11.82 -16.42 11.50
CA ASN A 343 -10.94 -16.58 12.66
CA ASN A 343 -10.98 -16.63 12.68
C ASN A 343 -9.69 -17.39 12.38
N ASN A 344 -9.83 -18.41 11.55
CA ASN A 344 -8.69 -19.16 11.12
C ASN A 344 -7.58 -18.35 10.42
N HIS A 345 -7.96 -17.34 9.64
CA HIS A 345 -6.96 -16.52 8.97
C HIS A 345 -6.13 -15.71 9.97
N PHE A 346 -6.77 -15.33 11.09
CA PHE A 346 -6.16 -14.45 12.08
C PHE A 346 -5.33 -15.14 13.17
N LYS A 347 -5.36 -16.47 13.17
CA LYS A 347 -4.63 -17.26 14.18
C LYS A 347 -3.13 -17.06 14.12
N SER A 348 -2.51 -17.02 15.28
CA SER A 348 -1.08 -16.91 15.39
C SER A 348 -0.35 -18.08 14.72
N LEU A 349 0.82 -17.77 14.12
CA LEU A 349 1.68 -18.77 13.52
C LEU A 349 2.77 -19.27 14.49
N GLY A 350 2.67 -18.87 15.75
CA GLY A 350 3.61 -19.31 16.75
C GLY A 350 4.98 -18.76 16.43
N SER A 351 5.96 -19.64 16.36
CA SER A 351 7.35 -19.25 16.23
C SER A 351 7.60 -18.82 14.79
N SER A 352 6.63 -19.09 13.89
CA SER A 352 6.68 -18.59 12.49
C SER A 352 6.07 -17.21 12.33
N ASP A 353 5.51 -16.62 13.40
CA ASP A 353 5.06 -15.24 13.32
C ASP A 353 6.16 -14.26 12.88
N LEU A 354 5.73 -13.18 12.25
CA LEU A 354 6.61 -12.07 12.00
C LEU A 354 6.87 -11.34 13.30
N LYS A 355 8.14 -11.21 13.65
CA LYS A 355 8.60 -10.47 14.84
C LYS A 355 9.69 -9.46 14.39
N PHE A 356 9.90 -8.44 15.19
CA PHE A 356 10.76 -7.34 14.77
C PHE A 356 12.01 -7.19 15.62
N ALA A 357 12.30 -8.22 16.40
CA ALA A 357 13.55 -8.26 17.12
C ALA A 357 13.89 -9.73 17.26
N GLU A 358 15.08 -10.03 17.75
CA GLU A 358 15.47 -11.40 17.97
C GLU A 358 14.63 -11.98 19.12
N ASN A 359 14.54 -13.31 19.20
CA ASN A 359 13.72 -13.95 20.24
C ASN A 359 13.98 -13.50 21.69
N LEU A 360 15.25 -13.26 22.03
CA LEU A 360 15.60 -12.92 23.43
C LEU A 360 14.98 -11.60 23.90
N TYR A 361 14.54 -10.75 22.97
CA TYR A 361 13.83 -9.52 23.33
C TYR A 361 12.43 -9.76 23.92
N PHE A 362 11.90 -10.96 23.79
CA PHE A 362 10.50 -11.16 24.09
C PHE A 362 10.34 -12.08 25.26
N GLN A 363 9.29 -11.82 26.05
CA GLN A 363 8.90 -12.73 27.11
C GLN A 363 8.35 -14.03 26.51
C1 QUE B . -4.53 -5.89 -7.25
C2 QUE B . -3.19 -6.09 -6.90
C3 QUE B . -2.16 -5.91 -7.93
C4 QUE B . -2.58 -5.49 -9.29
C5 QUE B . -3.93 -5.33 -9.55
C6 QUE B . -4.87 -5.51 -8.55
C9 QUE B . -0.73 -6.11 -7.65
C10 QUE B . 0.22 -5.89 -8.76
C11 QUE B . -0.28 -5.44 -10.11
C14 QUE B . 0.55 -5.27 -11.36
C15 QUE B . -0.11 -5.04 -12.58
C15 QUE B . 1.91 -5.56 -11.42
C16 QUE B . 0.61 -4.91 -13.77
C16 QUE B . 2.63 -5.43 -12.62
C17 QUE B . 2.00 -5.01 -13.78
C18 QUE B . 2.69 -5.26 -12.49
C18 QUE B . 0.55 -4.71 -13.72
C19 QUE B . 1.94 -5.38 -11.32
C19 QUE B . -0.13 -4.85 -12.52
O12 QUE B . -1.67 -5.31 -10.29
O13 QUE B . -0.26 -6.42 -6.51
O23 QUE B . 4.04 -5.38 -12.43
O23 QUE B . -0.13 -4.29 -14.82
O24 QUE B . 2.69 -4.89 -14.96
O27 QUE B . 1.52 -6.12 -8.45
O29 QUE B . -6.20 -5.33 -8.85
O30 QUE B . -2.83 -6.45 -5.64
O1 HIU C . 2.39 -5.43 -1.73
C1 HIU C . 1.83 -6.53 -1.78
O2 HIU C . 2.02 -7.45 -0.85
C2 HIU C . 0.93 -6.70 -3.02
C3 HIU C . 0.69 -5.40 -3.81
C4 HIU C . -0.39 -7.28 -2.55
O3 HIU C . -1.09 -6.29 -1.81
#